data_5G6A
#
_entry.id   5G6A
#
_cell.length_a   80.653
_cell.length_b   94.857
_cell.length_c   62.233
_cell.angle_alpha   90.00
_cell.angle_beta   90.00
_cell.angle_gamma   90.00
#
_symmetry.space_group_name_H-M   'P 21 21 2'
#
loop_
_entity.id
_entity.type
_entity.pdbx_description
1 polymer 'NITRIC OXIDE SYNTHASE OXYGENASE'
2 non-polymer 'PROTOPORPHYRIN IX CONTAINING FE'
3 non-polymer 5,6,7,8-TETRAHYDROBIOPTERIN
4 non-polymer 'CHLORIDE ION'
5 non-polymer 7-[2-[2-(3-fluorophenyl)ethylamino]ethyl]quinolin-2-amine
6 non-polymer GLYCEROL
7 water water
#
_entity_poly.entity_id   1
_entity_poly.type   'polypeptide(L)'
_entity_poly.pdbx_seq_one_letter_code
;MEEKEILWNEAKAFIAACYQELGKAAEVKDRLADIKSEIDLTGSYVHTKEELEHGAKMAWRNSNRCIGRLFWNSLNVIDR
RDVRTKEEVRDALFHHIETATNNGKIRPTITIFPPEEKGEKQVEIWNHQLIRYAGYESDGERIGDPASCSLTAACEELGW
RGERTDFDLLPLIFRMKGDEQPVWYELPRSLVIEVPITHPDIEAFSDLELKWYGVPIISDMKLEVGGIHYNAAPFNGWYM
GTEIGARNLADEKRYDKLKKVASVIGIAADYNTDLWKDQALVELNKAVLHSYKKQGVSIVDHHTAASQFKRFEEQAEEAG
RKLTGDWTWLIPPISPAATHIFHRSYDNSIVKPNYFYQDKPYE
;
_entity_poly.pdbx_strand_id   A
#
loop_
_chem_comp.id
_chem_comp.type
_chem_comp.name
_chem_comp.formula
CL non-polymer 'CHLORIDE ION' 'Cl -1'
GOL non-polymer GLYCEROL 'C3 H8 O3'
H4B non-polymer 5,6,7,8-TETRAHYDROBIOPTERIN 'C9 H15 N5 O3'
HEM non-polymer 'PROTOPORPHYRIN IX CONTAINING FE' 'C34 H32 Fe N4 O4'
M48 non-polymer 7-[2-[2-(3-fluorophenyl)ethylamino]ethyl]quinolin-2-amine 'C19 H20 F N3'
#
# COMPACT_ATOMS: atom_id res chain seq x y z
N GLU A 2 4.95 7.27 -32.45
CA GLU A 2 3.62 7.58 -31.95
C GLU A 2 3.54 7.37 -30.44
N GLU A 3 4.26 6.37 -29.93
CA GLU A 3 4.35 6.18 -28.49
C GLU A 3 5.53 6.97 -27.97
N LYS A 4 6.49 7.21 -28.86
CA LYS A 4 7.57 8.12 -28.57
C LYS A 4 6.97 9.51 -28.33
N GLU A 5 5.84 9.76 -28.98
CA GLU A 5 5.09 11.01 -28.80
C GLU A 5 4.54 11.17 -27.39
N ILE A 6 3.73 10.20 -26.94
CA ILE A 6 3.15 10.26 -25.61
C ILE A 6 4.26 10.36 -24.56
N LEU A 7 5.30 9.56 -24.74
CA LEU A 7 6.41 9.51 -23.78
C LEU A 7 7.08 10.87 -23.66
N TRP A 8 7.41 11.47 -24.79
CA TRP A 8 8.09 12.75 -24.83
C TRP A 8 7.30 13.87 -24.15
N ASN A 9 5.99 13.85 -24.36
CA ASN A 9 5.11 14.84 -23.76
C ASN A 9 5.04 14.70 -22.26
N GLU A 10 4.97 13.46 -21.80
CA GLU A 10 4.89 13.19 -20.38
C GLU A 10 6.21 13.60 -19.73
N ALA A 11 7.29 13.34 -20.46
CA ALA A 11 8.64 13.67 -20.01
C ALA A 11 8.85 15.17 -19.84
N LYS A 12 8.42 15.94 -20.83
CA LYS A 12 8.55 17.39 -20.77
C LYS A 12 7.84 17.94 -19.56
N ALA A 13 6.64 17.42 -19.29
CA ALA A 13 5.82 17.94 -18.22
C ALA A 13 6.40 17.58 -16.86
N PHE A 14 6.85 16.34 -16.74
CA PHE A 14 7.39 15.87 -15.47
C PHE A 14 8.74 16.55 -15.17
N ILE A 15 9.64 16.60 -16.14
CA ILE A 15 10.96 17.19 -15.89
C ILE A 15 10.87 18.67 -15.52
N ALA A 16 10.07 19.44 -16.25
CA ALA A 16 9.84 20.84 -15.92
C ALA A 16 9.34 20.99 -14.47
N ALA A 17 8.27 20.27 -14.11
CA ALA A 17 7.73 20.34 -12.75
C ALA A 17 8.71 19.86 -11.67
N CYS A 18 9.33 18.72 -11.90
CA CYS A 18 10.26 18.13 -10.94
C CYS A 18 11.44 19.09 -10.67
N TYR A 19 12.05 19.56 -11.75
CA TYR A 19 13.20 20.44 -11.62
C TYR A 19 12.86 21.79 -10.99
N GLN A 20 11.65 22.30 -11.22
CA GLN A 20 11.21 23.55 -10.57
C GLN A 20 11.22 23.32 -9.08
N GLU A 21 10.62 22.21 -8.67
CA GLU A 21 10.48 21.89 -7.25
C GLU A 21 11.83 21.68 -6.57
N LEU A 22 12.81 21.19 -7.33
CA LEU A 22 14.13 20.90 -6.79
C LEU A 22 15.08 22.10 -6.92
N GLY A 23 14.56 23.23 -7.40
CA GLY A 23 15.37 24.41 -7.60
C GLY A 23 16.37 24.30 -8.73
N LYS A 24 16.15 23.36 -9.65
CA LYS A 24 17.07 23.09 -10.76
C LYS A 24 16.51 23.56 -12.10
N ALA A 25 15.68 24.60 -12.09
CA ALA A 25 14.95 25.01 -13.29
C ALA A 25 15.82 25.31 -14.52
N ALA A 26 17.07 25.72 -14.30
CA ALA A 26 17.93 26.12 -15.42
C ALA A 26 18.53 24.92 -16.14
N GLU A 27 18.34 23.74 -15.57
CA GLU A 27 18.96 22.54 -16.11
C GLU A 27 17.97 21.79 -16.99
N VAL A 28 16.74 22.29 -17.04
CA VAL A 28 15.66 21.65 -17.77
C VAL A 28 15.93 21.52 -19.28
N LYS A 29 16.38 22.61 -19.90
CA LYS A 29 16.61 22.62 -21.35
C LYS A 29 17.59 21.55 -21.78
N ASP A 30 18.75 21.51 -21.13
CA ASP A 30 19.79 20.54 -21.45
C ASP A 30 19.31 19.11 -21.19
N ARG A 31 18.64 18.90 -20.05
CA ARG A 31 18.14 17.58 -19.68
C ARG A 31 17.09 17.08 -20.67
N LEU A 32 16.18 17.95 -21.10
CA LEU A 32 15.17 17.58 -22.07
C LEU A 32 15.80 17.28 -23.43
N ALA A 33 16.86 17.99 -23.77
CA ALA A 33 17.59 17.76 -25.01
C ALA A 33 18.15 16.35 -25.00
N ASP A 34 18.80 15.98 -23.89
CA ASP A 34 19.36 14.64 -23.71
C ASP A 34 18.26 13.58 -23.76
N ILE A 35 17.18 13.84 -23.03
CA ILE A 35 16.02 12.95 -23.03
C ILE A 35 15.49 12.75 -24.46
N LYS A 36 15.43 13.83 -25.23
CA LYS A 36 14.86 13.76 -26.58
C LYS A 36 15.68 12.88 -27.52
N SER A 37 17.01 13.01 -27.46
CA SER A 37 17.89 12.17 -28.26
C SER A 37 17.71 10.72 -27.85
N GLU A 38 17.66 10.51 -26.54
CA GLU A 38 17.59 9.17 -25.97
C GLU A 38 16.32 8.45 -26.40
N ILE A 39 15.19 9.17 -26.40
CA ILE A 39 13.95 8.59 -26.89
C ILE A 39 14.05 8.24 -28.39
N ASP A 40 14.53 9.19 -29.18
CA ASP A 40 14.71 8.98 -30.63
C ASP A 40 15.50 7.71 -30.91
N LEU A 41 16.63 7.57 -30.21
CA LEU A 41 17.55 6.47 -30.46
C LEU A 41 17.17 5.15 -29.81
N THR A 42 16.56 5.21 -28.62
CA THR A 42 16.30 4.00 -27.86
C THR A 42 14.82 3.64 -27.69
N GLY A 43 13.95 4.61 -27.88
CA GLY A 43 12.53 4.41 -27.65
C GLY A 43 12.10 4.73 -26.23
N SER A 44 13.07 4.95 -25.35
CA SER A 44 12.74 5.30 -23.96
C SER A 44 13.79 6.24 -23.38
N TYR A 45 13.72 6.48 -22.07
CA TYR A 45 14.75 7.22 -21.38
C TYR A 45 14.88 6.73 -19.95
N VAL A 46 16.02 7.00 -19.34
CA VAL A 46 16.29 6.52 -18.00
C VAL A 46 16.32 7.71 -17.02
N HIS A 47 15.50 7.66 -15.99
CA HIS A 47 15.49 8.69 -14.95
C HIS A 47 16.81 8.71 -14.18
N THR A 48 17.26 9.89 -13.79
CA THR A 48 18.37 9.99 -12.86
C THR A 48 17.86 9.53 -11.50
N LYS A 49 18.76 9.26 -10.58
CA LYS A 49 18.32 8.82 -9.26
C LYS A 49 17.48 9.91 -8.59
N GLU A 50 17.86 11.16 -8.80
CA GLU A 50 17.13 12.29 -8.23
C GLU A 50 15.69 12.41 -8.79
N GLU A 51 15.54 12.22 -10.10
CA GLU A 51 14.23 12.29 -10.73
C GLU A 51 13.36 11.16 -10.20
N LEU A 52 13.92 9.96 -10.14
CA LEU A 52 13.15 8.80 -9.69
C LEU A 52 12.68 8.99 -8.24
N GLU A 53 13.56 9.47 -7.38
CA GLU A 53 13.21 9.71 -5.99
C GLU A 53 12.09 10.76 -5.86
N HIS A 54 12.29 11.92 -6.48
CA HIS A 54 11.28 12.95 -6.37
C HIS A 54 9.95 12.57 -7.03
N GLY A 55 10.04 11.83 -8.13
CA GLY A 55 8.88 11.29 -8.82
C GLY A 55 8.01 10.38 -7.97
N ALA A 56 8.63 9.47 -7.21
CA ALA A 56 7.89 8.58 -6.31
C ALA A 56 7.21 9.36 -5.19
N LYS A 57 7.90 10.40 -4.71
CA LYS A 57 7.37 11.29 -3.69
C LYS A 57 6.20 12.13 -4.23
N MET A 58 6.36 12.67 -5.43
CA MET A 58 5.23 13.36 -6.09
C MET A 58 4.05 12.43 -6.30
N ALA A 59 4.32 11.17 -6.66
CA ALA A 59 3.23 10.24 -6.89
C ALA A 59 2.44 9.99 -5.60
N TRP A 60 3.13 9.93 -4.48
CA TRP A 60 2.41 9.76 -3.20
C TRP A 60 1.59 11.02 -2.92
N ARG A 61 2.22 12.19 -3.09
CA ARG A 61 1.56 13.47 -2.87
C ARG A 61 0.28 13.63 -3.65
N ASN A 62 0.21 12.95 -4.79
CA ASN A 62 -0.91 13.09 -5.72
C ASN A 62 -1.95 11.97 -5.57
N SER A 63 -1.74 11.09 -4.60
CA SER A 63 -2.64 9.95 -4.41
C SER A 63 -3.91 10.41 -3.69
N ASN A 64 -4.94 10.73 -4.48
CA ASN A 64 -6.21 11.29 -3.99
C ASN A 64 -6.86 10.56 -2.82
N ARG A 65 -6.68 9.25 -2.77
CA ARG A 65 -7.37 8.46 -1.75
C ARG A 65 -6.61 8.33 -0.46
N CYS A 66 -5.40 8.91 -0.41
CA CYS A 66 -4.54 8.68 0.74
C CYS A 66 -4.60 9.80 1.77
N ILE A 67 -4.95 9.46 3.01
CA ILE A 67 -5.07 10.43 4.11
C ILE A 67 -3.68 10.70 4.73
N GLY A 68 -2.69 9.87 4.37
CA GLY A 68 -1.40 9.92 5.06
C GLY A 68 -0.37 10.80 4.38
N ARG A 69 -0.83 11.60 3.43
CA ARG A 69 0.09 12.31 2.54
C ARG A 69 0.94 13.44 3.13
N LEU A 70 0.68 13.86 4.35
CA LEU A 70 1.48 14.94 4.95
C LEU A 70 2.98 14.62 4.81
N PHE A 71 3.29 13.33 4.89
CA PHE A 71 4.69 12.90 4.99
C PHE A 71 5.34 12.53 3.65
N TRP A 72 4.71 12.96 2.56
CA TRP A 72 5.15 12.57 1.21
C TRP A 72 6.65 12.79 0.98
N ASN A 73 7.19 13.88 1.52
CA ASN A 73 8.58 14.25 1.22
C ASN A 73 9.65 13.42 1.95
N SER A 74 9.23 12.60 2.91
CA SER A 74 10.20 11.80 3.64
C SER A 74 10.17 10.32 3.22
N LEU A 75 9.47 10.03 2.14
CA LEU A 75 9.46 8.66 1.59
C LEU A 75 10.89 8.19 1.35
N ASN A 76 11.22 6.99 1.83
CA ASN A 76 12.52 6.36 1.62
C ASN A 76 12.54 5.58 0.29
N VAL A 77 13.24 6.08 -0.73
CA VAL A 77 13.15 5.47 -2.06
C VAL A 77 14.35 4.57 -2.33
N ILE A 78 14.10 3.27 -2.55
CA ILE A 78 15.19 2.34 -2.84
C ILE A 78 15.20 2.01 -4.34
N ASP A 79 16.29 2.40 -5.00
CA ASP A 79 16.42 2.19 -6.44
C ASP A 79 17.00 0.81 -6.78
N ARG A 80 16.13 -0.10 -7.20
CA ARG A 80 16.58 -1.44 -7.59
C ARG A 80 16.39 -1.72 -9.09
N ARG A 81 16.61 -0.71 -9.90
CA ARG A 81 16.54 -0.85 -11.36
C ARG A 81 17.67 -1.73 -11.91
N ASP A 82 18.63 -2.06 -11.05
CA ASP A 82 19.74 -2.90 -11.43
C ASP A 82 19.43 -4.41 -11.38
N VAL A 83 18.31 -4.83 -10.80
CA VAL A 83 18.12 -6.28 -10.65
C VAL A 83 17.87 -6.98 -11.97
N ARG A 84 18.40 -8.19 -12.11
CA ARG A 84 18.24 -8.97 -13.33
C ARG A 84 17.81 -10.43 -13.09
N THR A 85 17.91 -10.93 -11.87
CA THR A 85 17.62 -12.33 -11.56
C THR A 85 16.56 -12.47 -10.49
N LYS A 86 15.93 -13.65 -10.42
CA LYS A 86 14.84 -13.82 -9.46
C LYS A 86 15.38 -13.81 -8.03
N GLU A 87 16.60 -14.29 -7.84
CA GLU A 87 17.21 -14.23 -6.52
C GLU A 87 17.41 -12.79 -6.06
N GLU A 88 17.84 -11.92 -6.97
CA GLU A 88 17.99 -10.49 -6.65
C GLU A 88 16.63 -9.86 -6.33
N VAL A 89 15.59 -10.23 -7.07
CA VAL A 89 14.27 -9.68 -6.79
C VAL A 89 13.82 -10.13 -5.42
N ARG A 90 13.94 -11.43 -5.16
CA ARG A 90 13.59 -11.99 -3.85
C ARG A 90 14.29 -11.26 -2.72
N ASP A 91 15.61 -11.08 -2.85
CA ASP A 91 16.37 -10.48 -1.78
C ASP A 91 16.04 -9.00 -1.61
N ALA A 92 15.76 -8.32 -2.71
CA ALA A 92 15.26 -6.94 -2.65
C ALA A 92 13.92 -6.84 -1.91
N LEU A 93 13.05 -7.82 -2.11
CA LEU A 93 11.77 -7.83 -1.42
C LEU A 93 11.92 -8.15 0.08
N PHE A 94 12.80 -9.10 0.40
CA PHE A 94 13.12 -9.41 1.78
C PHE A 94 13.70 -8.17 2.46
N HIS A 95 14.63 -7.50 1.79
CA HIS A 95 15.24 -6.30 2.33
C HIS A 95 14.21 -5.17 2.57
N HIS A 96 13.34 -4.96 1.61
CA HIS A 96 12.25 -4.00 1.80
C HIS A 96 11.47 -4.30 3.09
N ILE A 97 11.03 -5.54 3.27
CA ILE A 97 10.33 -5.88 4.51
C ILE A 97 11.15 -5.51 5.76
N GLU A 98 12.42 -5.88 5.77
CA GLU A 98 13.27 -5.63 6.94
C GLU A 98 13.45 -4.13 7.21
N THR A 99 13.78 -3.38 6.16
CA THR A 99 14.11 -1.96 6.36
C THR A 99 12.86 -1.11 6.62
N ALA A 100 11.76 -1.46 5.97
CA ALA A 100 10.49 -0.78 6.22
C ALA A 100 10.03 -1.04 7.63
N THR A 101 10.17 -2.29 8.08
CA THR A 101 9.69 -2.69 9.41
C THR A 101 10.50 -1.99 10.51
N ASN A 102 11.82 -2.05 10.37
CA ASN A 102 12.73 -1.28 11.21
C ASN A 102 12.45 -1.55 12.68
N ASN A 103 12.29 -2.82 13.05
CA ASN A 103 12.06 -3.20 14.45
C ASN A 103 10.78 -2.64 15.05
N GLY A 104 9.84 -2.25 14.21
CA GLY A 104 8.57 -1.72 14.69
C GLY A 104 8.38 -0.23 14.41
N LYS A 105 9.49 0.51 14.29
CA LYS A 105 9.40 1.94 14.02
C LYS A 105 9.37 2.13 12.51
N ILE A 106 8.20 1.94 11.92
CA ILE A 106 8.05 1.75 10.47
C ILE A 106 8.56 2.94 9.65
N ARG A 107 9.30 2.66 8.58
CA ARG A 107 9.78 3.68 7.63
C ARG A 107 8.99 3.53 6.35
N PRO A 108 8.25 4.59 5.96
CA PRO A 108 7.58 4.57 4.65
C PRO A 108 8.64 4.44 3.56
N THR A 109 8.53 3.41 2.73
CA THR A 109 9.60 3.01 1.82
C THR A 109 8.98 2.55 0.52
N ILE A 110 9.68 2.81 -0.59
CA ILE A 110 9.31 2.18 -1.86
C ILE A 110 10.57 1.57 -2.49
N THR A 111 10.45 0.37 -3.04
CA THR A 111 11.56 -0.24 -3.76
C THR A 111 11.12 -0.26 -5.21
N ILE A 112 11.94 0.33 -6.08
CA ILE A 112 11.56 0.49 -7.47
C ILE A 112 12.34 -0.46 -8.37
N PHE A 113 11.61 -1.33 -9.04
CA PHE A 113 12.21 -2.34 -9.91
C PHE A 113 12.32 -1.80 -11.36
N PRO A 114 13.04 -2.50 -12.25
CA PRO A 114 13.11 -2.01 -13.65
C PRO A 114 11.71 -1.80 -14.25
N PRO A 115 11.54 -0.74 -15.06
CA PRO A 115 10.20 -0.41 -15.56
C PRO A 115 9.86 -1.23 -16.80
N GLU A 116 8.61 -1.14 -17.27
CA GLU A 116 8.20 -1.76 -18.52
C GLU A 116 9.01 -1.15 -19.65
N GLU A 117 9.26 -1.96 -20.68
CA GLU A 117 10.06 -1.54 -21.81
C GLU A 117 9.16 -1.24 -23.00
N LYS A 118 8.70 -2.29 -23.69
CA LYS A 118 7.74 -2.11 -24.76
C LYS A 118 6.33 -2.34 -24.23
N GLY A 119 6.09 -1.95 -22.99
CA GLY A 119 4.90 -2.40 -22.27
C GLY A 119 5.15 -3.84 -21.82
N GLU A 120 6.38 -4.31 -22.05
CA GLU A 120 6.83 -5.60 -21.57
C GLU A 120 7.36 -5.48 -20.15
N LYS A 121 6.72 -6.17 -19.22
CA LYS A 121 7.16 -6.17 -17.84
C LYS A 121 8.49 -6.92 -17.72
N GLN A 122 9.40 -6.38 -16.90
CA GLN A 122 10.68 -7.03 -16.64
C GLN A 122 10.49 -7.94 -15.43
N VAL A 123 9.66 -7.47 -14.51
CA VAL A 123 9.36 -8.18 -13.27
C VAL A 123 7.88 -7.97 -13.02
N GLU A 124 7.16 -9.04 -12.71
CA GLU A 124 5.72 -8.96 -12.48
C GLU A 124 5.36 -9.57 -11.12
N ILE A 125 5.03 -8.72 -10.14
CA ILE A 125 4.71 -9.18 -8.79
C ILE A 125 3.23 -9.57 -8.69
N TRP A 126 2.96 -10.78 -8.21
CA TRP A 126 1.57 -11.28 -8.08
C TRP A 126 0.89 -10.92 -6.77
N ASN A 127 1.66 -10.77 -5.69
CA ASN A 127 1.08 -10.41 -4.40
C ASN A 127 0.36 -9.07 -4.42
N HIS A 128 -0.73 -8.99 -3.65
CA HIS A 128 -1.40 -7.70 -3.43
C HIS A 128 -0.58 -6.89 -2.43
N GLN A 129 -0.19 -7.53 -1.32
CA GLN A 129 0.77 -6.97 -0.39
C GLN A 129 1.85 -8.01 -0.15
N LEU A 130 3.06 -7.55 0.21
CA LEU A 130 4.17 -8.49 0.36
C LEU A 130 3.87 -9.41 1.54
N ILE A 131 3.23 -8.85 2.57
CA ILE A 131 2.77 -9.66 3.70
C ILE A 131 1.25 -9.66 3.70
N ARG A 132 0.64 -10.85 3.57
CA ARG A 132 -0.82 -10.94 3.48
C ARG A 132 -1.22 -12.37 3.83
N TYR A 133 -2.41 -12.55 4.40
CA TYR A 133 -2.85 -13.90 4.80
C TYR A 133 -3.63 -14.59 3.68
N ALA A 134 -3.50 -15.92 3.59
CA ALA A 134 -4.19 -16.72 2.61
C ALA A 134 -5.65 -16.85 2.97
N GLY A 135 -6.46 -17.29 2.01
CA GLY A 135 -7.87 -17.51 2.26
C GLY A 135 -8.31 -18.72 1.49
N TYR A 136 -9.26 -19.47 2.05
CA TYR A 136 -9.69 -20.72 1.46
C TYR A 136 -11.22 -20.77 1.57
N GLU A 137 -11.86 -21.43 0.63
CA GLU A 137 -13.26 -21.75 0.78
C GLU A 137 -13.56 -22.98 -0.02
N SER A 138 -14.06 -24.02 0.64
CA SER A 138 -14.56 -25.21 -0.04
C SER A 138 -15.57 -25.91 0.84
N ASP A 139 -16.63 -26.42 0.24
CA ASP A 139 -17.69 -27.10 0.99
C ASP A 139 -18.25 -26.21 2.10
N GLY A 140 -18.54 -24.96 1.75
CA GLY A 140 -19.09 -24.02 2.70
C GLY A 140 -18.11 -23.53 3.76
N GLU A 141 -16.96 -24.20 3.86
CA GLU A 141 -15.97 -23.90 4.90
C GLU A 141 -15.06 -22.73 4.49
N ARG A 142 -15.10 -21.66 5.27
CA ARG A 142 -14.28 -20.46 5.02
C ARG A 142 -13.13 -20.35 6.02
N ILE A 143 -11.91 -20.20 5.51
CA ILE A 143 -10.74 -20.11 6.37
C ILE A 143 -9.90 -18.94 5.91
N GLY A 144 -9.39 -18.14 6.85
CA GLY A 144 -8.48 -17.08 6.50
C GLY A 144 -9.17 -15.88 5.88
N ASP A 145 -8.47 -15.21 4.97
CA ASP A 145 -8.90 -13.93 4.45
C ASP A 145 -9.56 -14.11 3.08
N PRO A 146 -10.88 -13.92 3.00
CA PRO A 146 -11.55 -14.17 1.71
C PRO A 146 -10.98 -13.35 0.56
N ALA A 147 -10.46 -12.15 0.84
CA ALA A 147 -9.93 -11.32 -0.23
C ALA A 147 -8.70 -11.99 -0.87
N SER A 148 -8.16 -13.00 -0.21
CA SER A 148 -6.96 -13.69 -0.73
C SER A 148 -7.23 -15.01 -1.44
N CYS A 149 -8.51 -15.35 -1.60
CA CYS A 149 -8.90 -16.64 -2.16
C CYS A 149 -8.35 -16.90 -3.54
N SER A 150 -8.45 -15.94 -4.46
CA SER A 150 -7.99 -16.27 -5.80
C SER A 150 -6.45 -16.39 -5.88
N LEU A 151 -5.71 -15.52 -5.19
CA LEU A 151 -4.24 -15.65 -5.22
C LEU A 151 -3.80 -16.93 -4.52
N THR A 152 -4.45 -17.26 -3.40
CA THR A 152 -4.18 -18.52 -2.69
C THR A 152 -4.34 -19.74 -3.61
N ALA A 153 -5.45 -19.80 -4.34
CA ALA A 153 -5.64 -20.89 -5.30
C ALA A 153 -4.57 -20.90 -6.38
N ALA A 154 -4.18 -19.73 -6.86
CA ALA A 154 -3.13 -19.69 -7.90
C ALA A 154 -1.81 -20.16 -7.31
N CYS A 155 -1.51 -19.78 -6.07
CA CYS A 155 -0.29 -20.27 -5.42
C CYS A 155 -0.31 -21.78 -5.28
N GLU A 156 -1.45 -22.34 -4.89
CA GLU A 156 -1.51 -23.79 -4.72
C GLU A 156 -1.47 -24.52 -6.06
N GLU A 157 -1.69 -23.82 -7.17
CA GLU A 157 -1.49 -24.43 -8.48
C GLU A 157 0.00 -24.61 -8.73
N LEU A 158 0.81 -23.78 -8.06
CA LEU A 158 2.26 -23.74 -8.32
C LEU A 158 3.07 -24.60 -7.35
N GLY A 159 2.38 -25.42 -6.57
CA GLY A 159 3.08 -26.33 -5.70
C GLY A 159 3.22 -25.87 -4.26
N TRP A 160 2.77 -24.66 -3.95
CA TRP A 160 2.72 -24.24 -2.55
C TRP A 160 1.49 -24.91 -1.91
N ARG A 161 1.52 -25.09 -0.58
CA ARG A 161 0.38 -25.59 0.16
C ARG A 161 0.33 -24.82 1.47
N GLY A 162 -0.84 -24.27 1.81
CA GLY A 162 -0.98 -23.55 3.06
C GLY A 162 -1.41 -24.50 4.15
N GLU A 163 -1.10 -24.17 5.40
CA GLU A 163 -1.48 -24.97 6.56
C GLU A 163 -2.98 -24.83 6.91
N ARG A 164 -3.64 -23.87 6.28
CA ARG A 164 -5.08 -23.62 6.50
C ARG A 164 -5.41 -23.25 7.93
N THR A 165 -4.54 -22.42 8.52
CA THR A 165 -4.90 -21.64 9.69
C THR A 165 -5.62 -20.40 9.15
N ASP A 166 -6.15 -19.59 10.03
CA ASP A 166 -6.80 -18.35 9.59
C ASP A 166 -5.78 -17.26 9.24
N PHE A 167 -4.51 -17.55 9.47
CA PHE A 167 -3.45 -16.57 9.31
C PHE A 167 -2.21 -17.17 8.66
N ASP A 168 -2.39 -17.91 7.54
CA ASP A 168 -1.26 -18.42 6.78
C ASP A 168 -0.62 -17.26 6.03
N LEU A 169 0.70 -17.11 6.10
CA LEU A 169 1.35 -16.06 5.31
C LEU A 169 1.53 -16.59 3.88
N LEU A 170 1.10 -15.80 2.91
CA LEU A 170 1.30 -16.20 1.53
C LEU A 170 2.78 -16.05 1.21
N PRO A 171 3.28 -16.88 0.29
CA PRO A 171 4.66 -16.73 -0.13
C PRO A 171 4.76 -15.51 -1.04
N LEU A 172 5.96 -14.99 -1.22
CA LEU A 172 6.18 -14.01 -2.28
C LEU A 172 5.98 -14.72 -3.59
N ILE A 173 5.34 -14.06 -4.55
CA ILE A 173 5.16 -14.71 -5.83
C ILE A 173 5.30 -13.70 -6.98
N PHE A 174 6.23 -13.96 -7.88
CA PHE A 174 6.47 -13.03 -8.97
C PHE A 174 7.01 -13.78 -10.18
N ARG A 175 6.86 -13.17 -11.35
CA ARG A 175 7.34 -13.76 -12.59
C ARG A 175 8.37 -12.85 -13.26
N MET A 176 9.46 -13.42 -13.78
CA MET A 176 10.48 -12.67 -14.51
C MET A 176 10.18 -12.69 -16.01
N LYS A 177 10.55 -11.63 -16.70
CA LYS A 177 10.43 -11.58 -18.15
C LYS A 177 11.08 -12.82 -18.75
N GLY A 178 10.38 -13.50 -19.64
CA GLY A 178 10.95 -14.66 -20.30
C GLY A 178 10.48 -15.97 -19.69
N ASP A 179 10.03 -15.92 -18.45
CA ASP A 179 9.53 -17.12 -17.78
C ASP A 179 8.04 -17.23 -18.03
N GLU A 180 7.56 -18.45 -18.21
CA GLU A 180 6.14 -18.67 -18.44
C GLU A 180 5.36 -18.65 -17.12
N GLN A 181 5.98 -19.09 -16.03
CA GLN A 181 5.31 -19.18 -14.73
C GLN A 181 6.03 -18.37 -13.66
N PRO A 182 5.28 -17.82 -12.68
CA PRO A 182 5.98 -17.16 -11.57
C PRO A 182 6.72 -18.18 -10.68
N VAL A 183 7.65 -17.71 -9.87
CA VAL A 183 8.27 -18.54 -8.84
C VAL A 183 7.68 -18.06 -7.52
N TRP A 184 7.83 -18.88 -6.47
CA TRP A 184 7.38 -18.45 -5.14
C TRP A 184 8.41 -18.77 -4.07
N TYR A 185 8.44 -17.93 -3.03
CA TYR A 185 9.37 -18.09 -1.89
C TYR A 185 8.63 -17.83 -0.59
N GLU A 186 8.68 -18.81 0.31
CA GLU A 186 8.15 -18.67 1.65
C GLU A 186 8.85 -17.49 2.39
N LEU A 187 8.07 -16.66 3.08
CA LEU A 187 8.65 -15.57 3.86
C LEU A 187 9.39 -16.08 5.10
N PRO A 188 10.64 -15.64 5.30
CA PRO A 188 11.31 -16.00 6.57
C PRO A 188 10.53 -15.39 7.75
N ARG A 189 10.11 -16.20 8.71
CA ARG A 189 9.23 -15.69 9.77
C ARG A 189 9.94 -14.62 10.63
N SER A 190 11.26 -14.65 10.68
CA SER A 190 12.00 -13.67 11.47
C SER A 190 11.84 -12.25 10.93
N LEU A 191 11.38 -12.12 9.68
CA LEU A 191 11.26 -10.81 9.06
C LEU A 191 9.88 -10.19 9.30
N VAL A 192 8.93 -11.04 9.66
CA VAL A 192 7.52 -10.60 9.70
C VAL A 192 7.06 -10.35 11.12
N ILE A 193 6.82 -9.08 11.46
CA ILE A 193 6.25 -8.75 12.75
C ILE A 193 4.74 -8.92 12.70
N GLU A 194 4.17 -9.60 13.69
CA GLU A 194 2.72 -9.68 13.83
C GLU A 194 2.33 -9.18 15.20
N VAL A 195 1.09 -8.72 15.32
CA VAL A 195 0.63 -8.15 16.57
C VAL A 195 -0.60 -8.91 17.05
N PRO A 196 -0.52 -9.57 18.20
CA PRO A 196 -1.74 -10.18 18.74
C PRO A 196 -2.69 -9.09 19.23
N ILE A 197 -4.00 -9.23 18.98
CA ILE A 197 -4.94 -8.18 19.37
C ILE A 197 -5.50 -8.44 20.77
N THR A 198 -5.22 -7.53 21.70
CA THR A 198 -5.77 -7.60 23.05
C THR A 198 -6.43 -6.26 23.34
N HIS A 199 -7.23 -6.19 24.41
CA HIS A 199 -7.97 -4.97 24.72
C HIS A 199 -7.42 -4.36 26.03
N PRO A 200 -7.35 -3.01 26.10
CA PRO A 200 -6.74 -2.41 27.29
C PRO A 200 -7.42 -2.78 28.61
N ASP A 201 -8.72 -3.07 28.62
CA ASP A 201 -9.34 -3.44 29.90
C ASP A 201 -10.29 -4.64 29.89
N ILE A 202 -10.52 -5.22 28.72
CA ILE A 202 -11.37 -6.42 28.64
C ILE A 202 -10.46 -7.62 28.41
N GLU A 203 -10.21 -8.36 29.48
CA GLU A 203 -9.25 -9.44 29.45
C GLU A 203 -9.64 -10.57 28.50
N ALA A 204 -10.94 -10.79 28.34
CA ALA A 204 -11.43 -11.90 27.54
C ALA A 204 -11.24 -11.66 26.04
N PHE A 205 -10.90 -10.43 25.65
CA PHE A 205 -10.73 -10.12 24.24
C PHE A 205 -9.68 -11.04 23.58
N SER A 206 -8.70 -11.49 24.35
CA SER A 206 -7.67 -12.36 23.80
C SER A 206 -8.21 -13.75 23.44
N ASP A 207 -9.39 -14.09 23.95
CA ASP A 207 -10.06 -15.36 23.60
C ASP A 207 -10.36 -15.44 22.10
N LEU A 208 -10.47 -14.28 21.44
CA LEU A 208 -10.75 -14.25 20.00
C LEU A 208 -9.53 -14.68 19.18
N GLU A 209 -8.37 -14.67 19.81
CA GLU A 209 -7.11 -15.05 19.15
C GLU A 209 -6.90 -14.34 17.81
N LEU A 210 -7.21 -13.05 17.77
CA LEU A 210 -7.00 -12.20 16.59
C LEU A 210 -5.55 -11.71 16.55
N LYS A 211 -5.02 -11.53 15.35
CA LYS A 211 -3.75 -10.84 15.17
C LYS A 211 -3.77 -10.18 13.81
N TRP A 212 -2.81 -9.30 13.54
CA TRP A 212 -2.66 -8.76 12.19
C TRP A 212 -1.16 -8.52 11.99
N TYR A 213 -0.74 -8.27 10.75
CA TYR A 213 0.70 -8.13 10.53
C TYR A 213 1.05 -6.66 10.70
N GLY A 214 2.32 -6.37 10.91
CA GLY A 214 2.72 -5.01 11.27
C GLY A 214 2.69 -4.00 10.15
N VAL A 215 3.06 -4.40 8.94
CA VAL A 215 3.32 -3.44 7.89
C VAL A 215 2.57 -3.76 6.60
N PRO A 216 1.73 -2.83 6.11
CA PRO A 216 1.04 -3.04 4.83
C PRO A 216 1.96 -2.62 3.68
N ILE A 217 2.40 -3.55 2.83
CA ILE A 217 3.34 -3.22 1.78
C ILE A 217 2.69 -3.55 0.46
N ILE A 218 2.08 -2.54 -0.15
CA ILE A 218 1.22 -2.71 -1.34
C ILE A 218 2.11 -2.94 -2.57
N SER A 219 1.92 -4.09 -3.24
CA SER A 219 2.89 -4.52 -4.22
C SER A 219 2.34 -4.77 -5.62
N ASP A 220 1.11 -4.35 -5.88
CA ASP A 220 0.47 -4.64 -7.15
C ASP A 220 0.07 -3.34 -7.90
N MET A 221 0.56 -2.19 -7.46
CA MET A 221 0.20 -0.95 -8.19
C MET A 221 1.33 -0.50 -9.11
N LYS A 222 0.98 0.22 -10.16
CA LYS A 222 1.97 0.77 -11.07
C LYS A 222 2.31 2.22 -10.70
N LEU A 223 3.59 2.52 -10.53
CA LEU A 223 4.05 3.90 -10.37
C LEU A 223 4.35 4.47 -11.74
N GLU A 224 3.71 5.59 -12.08
CA GLU A 224 4.00 6.24 -13.36
C GLU A 224 4.67 7.58 -13.09
N VAL A 225 5.79 7.81 -13.74
CA VAL A 225 6.59 9.01 -13.54
C VAL A 225 7.12 9.43 -14.90
N GLY A 226 6.65 10.56 -15.41
CA GLY A 226 7.16 11.10 -16.66
C GLY A 226 7.07 10.17 -17.85
N GLY A 227 5.98 9.43 -17.95
CA GLY A 227 5.82 8.53 -19.09
C GLY A 227 6.44 7.15 -18.89
N ILE A 228 7.17 6.95 -17.80
CA ILE A 228 7.81 5.65 -17.56
C ILE A 228 6.94 4.88 -16.60
N HIS A 229 6.69 3.61 -16.91
CA HIS A 229 5.74 2.79 -16.16
C HIS A 229 6.44 1.77 -15.28
N TYR A 230 6.55 2.07 -13.99
CA TYR A 230 7.19 1.16 -13.06
C TYR A 230 6.12 0.26 -12.46
N ASN A 231 5.85 -0.85 -13.14
CA ASN A 231 4.73 -1.72 -12.76
C ASN A 231 5.03 -2.47 -11.49
N ALA A 232 6.32 -2.57 -11.17
CA ALA A 232 6.74 -3.31 -9.99
C ALA A 232 7.50 -2.32 -9.11
N ALA A 233 6.84 -1.87 -8.05
CA ALA A 233 7.38 -0.83 -7.18
C ALA A 233 6.63 -0.85 -5.85
N PRO A 234 6.86 -1.89 -5.02
CA PRO A 234 6.09 -1.98 -3.78
C PRO A 234 6.39 -0.83 -2.82
N PHE A 235 5.37 -0.38 -2.08
CA PHE A 235 5.56 0.70 -1.14
C PHE A 235 4.77 0.42 0.13
N ASN A 236 5.13 1.12 1.21
CA ASN A 236 4.44 0.90 2.48
C ASN A 236 4.40 2.20 3.29
N GLY A 237 3.39 2.32 4.13
CA GLY A 237 3.36 3.29 5.20
C GLY A 237 3.21 2.48 6.47
N TRP A 238 2.68 3.12 7.52
CA TRP A 238 2.20 2.41 8.68
C TRP A 238 0.68 2.40 8.62
N TYR A 239 0.06 1.47 9.32
CA TYR A 239 -1.39 1.36 9.27
C TYR A 239 -2.08 2.53 9.97
N MET A 240 -3.27 2.88 9.47
CA MET A 240 -4.26 3.60 10.27
C MET A 240 -5.15 2.53 10.91
N GLY A 241 -5.40 2.64 12.21
CA GLY A 241 -6.09 1.56 12.91
C GLY A 241 -7.40 1.07 12.28
N THR A 242 -8.21 1.98 11.75
CA THR A 242 -9.51 1.59 11.18
C THR A 242 -9.36 0.61 10.00
N GLU A 243 -8.20 0.62 9.33
CA GLU A 243 -8.04 -0.29 8.19
C GLU A 243 -8.12 -1.72 8.66
N ILE A 244 -7.64 -1.94 9.87
CA ILE A 244 -7.56 -3.27 10.45
C ILE A 244 -8.85 -3.52 11.23
N GLY A 245 -9.19 -2.62 12.14
CA GLY A 245 -10.33 -2.82 13.04
C GLY A 245 -11.72 -2.62 12.46
N ALA A 246 -11.86 -1.79 11.43
CA ALA A 246 -13.19 -1.46 10.91
C ALA A 246 -13.40 -2.11 9.56
N ARG A 247 -12.32 -2.63 8.96
CA ARG A 247 -12.47 -3.25 7.64
C ARG A 247 -11.93 -4.70 7.55
N ASN A 248 -10.62 -4.90 7.69
CA ASN A 248 -10.01 -6.23 7.59
C ASN A 248 -10.62 -7.23 8.56
N LEU A 249 -10.76 -6.82 9.81
CA LEU A 249 -11.32 -7.72 10.80
C LEU A 249 -12.86 -7.66 10.91
N ALA A 250 -13.47 -6.62 10.33
CA ALA A 250 -14.91 -6.37 10.52
C ALA A 250 -15.83 -6.66 9.34
N ASP A 251 -15.34 -6.47 8.11
CA ASP A 251 -16.22 -6.59 6.94
C ASP A 251 -16.79 -8.02 6.90
N GLU A 252 -18.08 -8.13 6.54
CA GLU A 252 -18.68 -9.45 6.39
C GLU A 252 -17.95 -10.32 5.35
N LYS A 253 -17.39 -9.67 4.33
CA LYS A 253 -16.66 -10.40 3.28
C LYS A 253 -15.16 -10.54 3.60
N ARG A 254 -14.75 -10.17 4.81
CA ARG A 254 -13.39 -10.38 5.29
C ARG A 254 -13.45 -11.31 6.50
N TYR A 255 -12.84 -10.94 7.60
CA TYR A 255 -12.82 -11.82 8.77
C TYR A 255 -14.13 -11.83 9.58
N ASP A 256 -14.98 -10.83 9.36
CA ASP A 256 -16.36 -10.86 9.86
C ASP A 256 -16.45 -11.13 11.38
N LYS A 257 -15.69 -10.38 12.18
CA LYS A 257 -15.61 -10.69 13.61
C LYS A 257 -16.56 -9.93 14.54
N LEU A 258 -17.49 -9.13 14.02
CA LEU A 258 -18.22 -8.26 14.98
C LEU A 258 -19.11 -9.00 15.97
N LYS A 259 -19.74 -10.08 15.52
CA LYS A 259 -20.60 -10.84 16.43
C LYS A 259 -19.78 -11.47 17.56
N LYS A 260 -18.59 -11.99 17.23
CA LYS A 260 -17.69 -12.53 18.24
C LYS A 260 -17.14 -11.44 19.16
N VAL A 261 -16.85 -10.27 18.61
CA VAL A 261 -16.44 -9.14 19.43
C VAL A 261 -17.54 -8.78 20.45
N ALA A 262 -18.79 -8.69 19.98
CA ALA A 262 -19.90 -8.33 20.87
C ALA A 262 -20.00 -9.32 22.01
N SER A 263 -19.80 -10.59 21.71
CA SER A 263 -19.91 -11.60 22.74
C SER A 263 -18.84 -11.45 23.83
N VAL A 264 -17.59 -11.27 23.44
CA VAL A 264 -16.51 -11.15 24.44
C VAL A 264 -16.54 -9.86 25.23
N ILE A 265 -17.12 -8.80 24.67
CA ILE A 265 -17.26 -7.57 25.44
C ILE A 265 -18.55 -7.54 26.25
N GLY A 266 -19.32 -8.61 26.16
CA GLY A 266 -20.44 -8.79 27.06
C GLY A 266 -21.71 -8.03 26.70
N ILE A 267 -21.91 -7.75 25.41
CA ILE A 267 -23.17 -7.13 25.00
C ILE A 267 -23.96 -8.03 24.06
N ALA A 268 -25.29 -7.89 24.07
CA ALA A 268 -26.15 -8.66 23.19
C ALA A 268 -25.99 -8.20 21.73
N ALA A 269 -26.12 -9.13 20.77
CA ALA A 269 -26.07 -8.80 19.35
C ALA A 269 -27.40 -9.13 18.70
N ASP A 270 -28.48 -8.72 19.35
CA ASP A 270 -29.83 -9.10 18.95
C ASP A 270 -30.61 -7.97 18.25
N TYR A 271 -30.40 -6.71 18.64
CA TYR A 271 -31.30 -5.63 18.19
C TYR A 271 -30.54 -4.53 17.51
N ASN A 272 -31.00 -4.12 16.32
CA ASN A 272 -30.28 -3.04 15.62
C ASN A 272 -30.28 -1.78 16.49
N THR A 273 -31.38 -1.51 17.18
CA THR A 273 -31.46 -0.29 17.99
C THR A 273 -30.50 -0.25 19.19
N ASP A 274 -29.86 -1.38 19.53
CA ASP A 274 -28.85 -1.39 20.59
C ASP A 274 -27.52 -0.88 20.06
N LEU A 275 -27.43 -0.70 18.75
CA LEU A 275 -26.17 -0.28 18.13
C LEU A 275 -25.00 -1.17 18.51
N TRP A 276 -25.25 -2.46 18.62
CA TRP A 276 -24.18 -3.36 19.07
C TRP A 276 -23.06 -3.44 18.05
N LYS A 277 -23.36 -3.28 16.76
CA LYS A 277 -22.27 -3.32 15.79
C LYS A 277 -21.36 -2.13 15.97
N ASP A 278 -21.96 -0.97 16.24
CA ASP A 278 -21.17 0.25 16.43
C ASP A 278 -20.29 0.15 17.65
N GLN A 279 -20.85 -0.36 18.74
CA GLN A 279 -20.11 -0.48 19.99
C GLN A 279 -18.98 -1.48 19.82
N ALA A 280 -19.28 -2.62 19.19
CA ALA A 280 -18.26 -3.64 18.89
C ALA A 280 -17.14 -3.05 18.04
N LEU A 281 -17.51 -2.27 17.03
CA LEU A 281 -16.50 -1.63 16.16
C LEU A 281 -15.56 -0.73 16.96
N VAL A 282 -16.13 0.05 17.86
CA VAL A 282 -15.32 0.96 18.67
C VAL A 282 -14.36 0.17 19.56
N GLU A 283 -14.85 -0.85 20.26
CA GLU A 283 -13.93 -1.63 21.11
C GLU A 283 -12.88 -2.39 20.30
N LEU A 284 -13.26 -2.97 19.16
CA LEU A 284 -12.27 -3.62 18.29
C LEU A 284 -11.20 -2.64 17.81
N ASN A 285 -11.62 -1.44 17.44
CA ASN A 285 -10.65 -0.41 17.01
C ASN A 285 -9.77 0.14 18.15
N LYS A 286 -10.29 0.20 19.37
CA LYS A 286 -9.48 0.58 20.51
C LYS A 286 -8.44 -0.51 20.75
N ALA A 287 -8.86 -1.76 20.61
CA ALA A 287 -7.97 -2.89 20.86
C ALA A 287 -6.81 -2.91 19.86
N VAL A 288 -7.14 -2.69 18.60
CA VAL A 288 -6.08 -2.65 17.58
C VAL A 288 -5.04 -1.58 17.87
N LEU A 289 -5.48 -0.36 18.22
CA LEU A 289 -4.52 0.72 18.52
C LEU A 289 -3.70 0.40 19.75
N HIS A 290 -4.37 -0.07 20.80
CA HIS A 290 -3.67 -0.46 22.02
C HIS A 290 -2.57 -1.51 21.76
N SER A 291 -2.93 -2.50 20.95
CA SER A 291 -2.06 -3.65 20.73
C SER A 291 -0.81 -3.29 19.95
N TYR A 292 -0.98 -2.51 18.89
CA TYR A 292 0.18 -2.04 18.13
C TYR A 292 1.09 -1.19 19.00
N LYS A 293 0.50 -0.30 19.79
CA LYS A 293 1.28 0.58 20.67
C LYS A 293 2.04 -0.22 21.72
N LYS A 294 1.35 -1.17 22.35
CA LYS A 294 1.95 -2.01 23.37
C LYS A 294 3.14 -2.78 22.79
N GLN A 295 3.02 -3.23 21.56
CA GLN A 295 4.12 -3.95 20.94
C GLN A 295 5.22 -3.07 20.30
N GLY A 296 5.02 -1.77 20.31
CA GLY A 296 6.00 -0.86 19.72
C GLY A 296 6.05 -0.92 18.21
N VAL A 297 4.92 -1.17 17.60
CA VAL A 297 4.77 -1.07 16.15
C VAL A 297 3.97 0.19 15.78
N SER A 298 4.49 0.97 14.83
CA SER A 298 3.88 2.25 14.50
C SER A 298 2.43 2.05 13.99
N ILE A 299 1.55 2.99 14.35
CA ILE A 299 0.18 2.95 13.87
C ILE A 299 -0.35 4.38 14.14
N VAL A 300 -1.40 4.78 13.43
CA VAL A 300 -2.00 6.09 13.67
C VAL A 300 -3.52 5.86 13.82
N ASP A 301 -4.17 6.63 14.68
CA ASP A 301 -5.63 6.55 14.78
C ASP A 301 -6.22 7.50 13.76
N HIS A 302 -7.51 7.36 13.44
CA HIS A 302 -8.08 8.16 12.36
C HIS A 302 -8.20 9.65 12.69
N HIS A 303 -8.29 9.99 13.97
CA HIS A 303 -8.43 11.40 14.36
C HIS A 303 -7.11 12.12 14.14
N THR A 304 -6.04 11.49 14.60
CA THR A 304 -4.69 12.07 14.44
C THR A 304 -4.34 12.15 12.94
N ALA A 305 -4.66 11.08 12.20
CA ALA A 305 -4.44 11.04 10.75
C ALA A 305 -5.15 12.16 10.01
N ALA A 306 -6.41 12.42 10.39
CA ALA A 306 -7.17 13.48 9.74
C ALA A 306 -6.58 14.85 10.09
N SER A 307 -6.08 14.99 11.32
CA SER A 307 -5.49 16.28 11.67
C SER A 307 -4.14 16.47 10.94
N GLN A 308 -3.38 15.40 10.75
CA GLN A 308 -2.22 15.46 9.84
C GLN A 308 -2.63 15.85 8.41
N PHE A 309 -3.72 15.29 7.89
CA PHE A 309 -4.18 15.60 6.53
C PHE A 309 -4.61 17.06 6.37
N LYS A 310 -5.21 17.60 7.43
CA LYS A 310 -5.55 19.03 7.45
C LYS A 310 -4.26 19.83 7.28
N ARG A 311 -3.18 19.40 7.95
CA ARG A 311 -1.91 20.12 7.79
C ARG A 311 -1.39 19.98 6.36
N PHE A 312 -1.60 18.82 5.73
CA PHE A 312 -1.22 18.61 4.33
C PHE A 312 -1.99 19.57 3.43
N GLU A 313 -3.30 19.70 3.65
CA GLU A 313 -4.08 20.69 2.91
C GLU A 313 -3.51 22.10 3.08
N GLU A 314 -3.18 22.46 4.33
CA GLU A 314 -2.62 23.79 4.61
C GLU A 314 -1.27 23.97 3.93
N GLN A 315 -0.44 22.94 3.96
CA GLN A 315 0.84 22.96 3.28
C GLN A 315 0.70 23.14 1.76
N ALA A 316 -0.29 22.47 1.16
CA ALA A 316 -0.50 22.59 -0.29
C ALA A 316 -0.84 24.03 -0.68
N GLU A 317 -1.76 24.64 0.07
CA GLU A 317 -2.12 26.03 -0.17
C GLU A 317 -0.90 26.97 -0.09
N GLU A 318 -0.12 26.82 0.99
CA GLU A 318 1.05 27.66 1.21
C GLU A 318 2.08 27.48 0.10
N ALA A 319 2.23 26.25 -0.38
CA ALA A 319 3.16 25.96 -1.46
C ALA A 319 2.60 26.40 -2.82
N GLY A 320 1.36 26.86 -2.84
CA GLY A 320 0.68 27.20 -4.07
C GLY A 320 0.26 26.04 -4.96
N ARG A 321 0.19 24.81 -4.41
CA ARG A 321 -0.22 23.66 -5.21
C ARG A 321 -1.72 23.37 -5.08
N LYS A 322 -2.35 22.97 -6.18
CA LYS A 322 -3.73 22.51 -6.10
C LYS A 322 -3.79 21.24 -5.27
N LEU A 323 -4.85 21.10 -4.48
CA LEU A 323 -5.06 19.90 -3.71
C LEU A 323 -6.07 19.01 -4.43
N THR A 324 -5.76 17.74 -4.54
CA THR A 324 -6.76 16.80 -5.03
C THR A 324 -7.01 15.70 -4.01
N GLY A 325 -8.23 15.16 -4.03
CA GLY A 325 -8.61 14.16 -3.05
C GLY A 325 -9.88 13.42 -3.44
N ASP A 326 -10.03 12.21 -2.93
CA ASP A 326 -11.23 11.42 -3.12
C ASP A 326 -11.96 11.34 -1.79
N TRP A 327 -12.97 12.18 -1.64
CA TRP A 327 -13.71 12.29 -0.38
C TRP A 327 -14.20 10.95 0.09
N THR A 328 -14.68 10.11 -0.83
CA THR A 328 -15.25 8.82 -0.45
C THR A 328 -14.26 7.86 0.15
N TRP A 329 -12.97 8.04 -0.16
CA TRP A 329 -11.93 7.20 0.46
C TRP A 329 -11.23 7.89 1.62
N LEU A 330 -11.19 9.22 1.62
CA LEU A 330 -10.51 9.93 2.70
C LEU A 330 -11.26 9.85 4.04
N ILE A 331 -12.60 9.87 3.99
CA ILE A 331 -13.32 9.79 5.25
C ILE A 331 -13.07 8.43 5.91
N PRO A 332 -12.82 8.42 7.22
CA PRO A 332 -12.61 7.10 7.83
C PRO A 332 -13.93 6.34 8.00
N PRO A 333 -13.88 5.00 8.10
CA PRO A 333 -15.11 4.19 8.17
C PRO A 333 -15.74 4.15 9.56
N ILE A 334 -15.15 4.82 10.53
CA ILE A 334 -15.86 5.05 11.78
C ILE A 334 -15.76 6.52 12.21
N SER A 335 -16.86 7.02 12.78
CA SER A 335 -17.02 8.45 13.09
C SER A 335 -16.50 9.39 12.02
N PRO A 336 -16.85 9.17 10.74
CA PRO A 336 -16.32 10.12 9.75
C PRO A 336 -16.72 11.59 10.02
N ALA A 337 -17.92 11.85 10.54
CA ALA A 337 -18.36 13.22 10.74
C ALA A 337 -17.64 13.91 11.91
N ALA A 338 -16.84 13.16 12.65
CA ALA A 338 -16.00 13.76 13.68
C ALA A 338 -14.66 14.25 13.11
N THR A 339 -14.45 14.09 11.81
CA THR A 339 -13.24 14.63 11.18
C THR A 339 -13.61 15.80 10.31
N HIS A 340 -12.67 16.72 10.07
CA HIS A 340 -12.94 17.87 9.20
C HIS A 340 -13.17 17.44 7.75
N ILE A 341 -12.59 16.31 7.39
CA ILE A 341 -12.69 15.79 6.02
C ILE A 341 -14.15 15.68 5.59
N PHE A 342 -14.98 15.10 6.44
CA PHE A 342 -16.40 14.87 6.14
C PHE A 342 -17.11 16.16 5.75
N HIS A 343 -16.66 17.29 6.29
CA HIS A 343 -17.40 18.56 6.15
C HIS A 343 -16.87 19.48 5.04
N ARG A 344 -15.91 19.02 4.24
CA ARG A 344 -15.55 19.79 3.06
C ARG A 344 -15.53 18.89 1.83
N SER A 345 -15.28 19.48 0.67
CA SER A 345 -15.25 18.71 -0.56
C SER A 345 -13.85 18.77 -1.15
N TYR A 346 -13.56 17.84 -2.05
CA TYR A 346 -12.24 17.70 -2.66
C TYR A 346 -12.39 17.47 -4.16
N ASP A 347 -11.48 18.07 -4.92
CA ASP A 347 -11.37 17.87 -6.36
C ASP A 347 -10.71 16.53 -6.67
N ASN A 348 -11.45 15.58 -7.25
CA ASN A 348 -10.91 14.24 -7.49
C ASN A 348 -10.11 14.08 -8.80
N SER A 349 -9.56 15.17 -9.33
CA SER A 349 -8.81 15.10 -10.58
C SER A 349 -7.53 14.27 -10.41
N ILE A 350 -7.15 13.59 -11.48
CA ILE A 350 -5.95 12.77 -11.46
C ILE A 350 -4.75 13.55 -11.97
N VAL A 351 -3.74 13.68 -11.10
CA VAL A 351 -2.48 14.35 -11.44
C VAL A 351 -1.33 13.34 -11.39
N LYS A 352 -0.44 13.40 -12.39
CA LYS A 352 0.74 12.53 -12.42
C LYS A 352 2.00 13.31 -12.03
N PRO A 353 3.03 12.62 -11.48
CA PRO A 353 3.17 11.19 -11.20
C PRO A 353 2.13 10.66 -10.23
N ASN A 354 1.83 9.38 -10.31
CA ASN A 354 0.80 8.80 -9.43
C ASN A 354 0.95 7.29 -9.41
N TYR A 355 0.23 6.65 -8.49
CA TYR A 355 0.11 5.19 -8.45
C TYR A 355 -1.23 4.77 -9.04
N PHE A 356 -1.22 3.72 -9.86
CA PHE A 356 -2.43 3.26 -10.55
C PHE A 356 -2.67 1.75 -10.39
N TYR A 357 -3.93 1.37 -10.46
CA TYR A 357 -4.31 -0.04 -10.53
C TYR A 357 -3.79 -0.60 -11.82
N GLN A 358 -3.52 -1.90 -11.83
CA GLN A 358 -3.24 -2.59 -13.08
C GLN A 358 -3.90 -3.95 -13.02
N ASP A 359 -4.08 -4.57 -14.18
CA ASP A 359 -4.75 -5.88 -14.25
C ASP A 359 -3.97 -6.96 -13.49
N LYS A 360 -4.69 -7.81 -12.78
CA LYS A 360 -4.11 -8.96 -12.12
C LYS A 360 -3.57 -9.97 -13.16
N PRO A 361 -2.43 -10.61 -12.87
CA PRO A 361 -1.94 -11.60 -13.83
C PRO A 361 -2.60 -12.98 -13.67
N TYR A 362 -3.22 -13.25 -12.53
CA TYR A 362 -3.99 -14.47 -12.32
C TYR A 362 -5.46 -14.10 -12.37
N GLU A 363 -6.34 -15.09 -12.41
CA GLU A 363 -7.79 -14.89 -12.50
C GLU A 363 -8.27 -14.13 -13.75
CHA HEM B . -4.63 4.78 0.53
CHB HEM B . -3.10 5.82 5.03
CHC HEM B . 1.47 5.94 3.37
CHD HEM B . -0.16 5.61 -1.20
C1A HEM B . -4.54 4.88 1.88
C2A HEM B . -5.59 4.51 2.76
C3A HEM B . -5.18 4.81 4.03
C4A HEM B . -3.86 5.37 3.94
CMA HEM B . -5.94 4.60 5.32
CAA HEM B . -6.91 3.89 2.34
CBA HEM B . -6.71 2.38 2.17
CGA HEM B . -7.95 1.53 2.05
O1A HEM B . -9.08 1.90 2.54
O2A HEM B . -7.84 0.44 1.43
C1B HEM B . -1.71 5.93 4.95
C2B HEM B . -0.89 6.03 6.09
C3B HEM B . 0.41 6.06 5.67
C4B HEM B . 0.33 6.00 4.19
CMB HEM B . -1.34 6.07 7.54
CAB HEM B . 1.60 6.16 6.55
CBB HEM B . 2.79 6.75 6.23
C1C HEM B . 1.45 5.77 1.98
C2C HEM B . 2.58 5.68 1.13
C3C HEM B . 2.13 5.62 -0.18
C4C HEM B . 0.68 5.64 -0.11
CMC HEM B . 4.02 5.68 1.63
CAC HEM B . 2.92 5.52 -1.44
CBC HEM B . 4.19 5.96 -1.56
C1D HEM B . -1.54 5.37 -1.03
C2D HEM B . -2.36 5.00 -2.18
C3D HEM B . -3.60 4.74 -1.71
C4D HEM B . -3.52 4.97 -0.27
CMD HEM B . -1.92 4.88 -3.63
CAD HEM B . -4.81 4.34 -2.55
CBD HEM B . -4.87 2.83 -2.88
CGD HEM B . -6.06 2.40 -3.71
O1D HEM B . -6.44 1.21 -3.66
O2D HEM B . -6.68 3.16 -4.50
NA HEM B . -3.48 5.41 2.61
NB HEM B . -0.97 5.90 3.84
NC HEM B . 0.33 5.78 1.20
ND HEM B . -2.26 5.32 0.11
FE HEM B . -1.67 5.85 1.85
N1 H4B C . -12.79 4.14 1.43
C2 H4B C . -11.66 3.49 1.78
N2 H4B C . -10.68 4.19 2.45
N3 H4B C . -11.50 2.18 1.46
C4 H4B C . -12.41 1.44 0.80
O4 H4B C . -12.19 0.22 0.57
C4A H4B C . -13.67 2.11 0.40
C8A H4B C . -13.81 3.55 0.77
N5 H4B C . -14.70 1.52 -0.28
N8 H4B C . -14.93 4.24 0.42
C6 H4B C . -15.40 2.48 -1.13
C7 H4B C . -16.01 3.55 -0.24
C9 H4B C . -16.31 1.95 -2.26
O9 H4B C . -16.48 0.52 -2.18
C10 H4B C . -17.67 2.64 -2.42
C11 H4B C . -18.53 1.77 -3.31
O10 H4B C . -17.63 3.95 -3.04
CL CL D . -4.79 -3.85 4.58
F23 M48 E . -9.47 -6.00 0.52
C25 M48 E . -7.40 -5.64 -2.41
C24 M48 E . -8.10 -6.24 -1.37
C23 M48 E . -8.78 -5.43 -0.48
C22 M48 E . -8.77 -4.04 -0.61
C26 M48 E . -7.38 -4.26 -2.55
C21 M48 E . -8.07 -3.45 -1.65
C15 M48 E . -8.03 -1.93 -1.80
C14 M48 E . -6.60 -1.42 -1.57
N13 M48 E . -6.25 -1.54 -0.15
C12 M48 E . -4.89 -1.08 0.16
C11 M48 E . -4.67 0.35 -0.27
C08 M48 E . -3.54 0.97 0.50
C07 M48 E . -2.47 1.49 -0.17
C06 M48 E . -1.43 2.10 0.51
C09 M48 E . -3.59 1.08 1.89
C10 M48 E . -2.57 1.69 2.58
N01 M48 E . -2.63 1.79 3.91
C05 M48 E . -1.48 2.21 1.89
C04 M48 E . -0.44 2.81 2.59
C03 M48 E . -0.52 2.90 3.97
C02 M48 E . -1.65 2.39 4.63
N02 M48 E . -1.77 2.46 5.98
C1 GOL F . -6.52 4.55 -7.30
O1 GOL F . -5.61 4.89 -6.24
C2 GOL F . -5.77 4.50 -8.61
O2 GOL F . -5.32 5.82 -8.94
C3 GOL F . -6.72 3.95 -9.70
O3 GOL F . -5.96 3.56 -10.85
C1 GOL G . 3.92 8.43 14.51
O1 GOL G . 5.30 8.39 14.86
C2 GOL G . 3.51 7.23 13.69
O2 GOL G . 2.10 7.12 13.84
C3 GOL G . 4.18 6.05 14.35
O3 GOL G . 3.28 5.34 15.21
#